data_9CEQ
#
_entry.id   9CEQ
#
loop_
_entity.id
_entity.type
_entity.pdbx_description
1 polymer 'Lanthanide Binding Tag Peptide'
2 non-polymer 'LANTHANUM (III) ION'
#
_entity_poly.entity_id   1
_entity_poly.type   'polypeptide(L)'
_entity_poly.pdbx_seq_one_letter_code
;FIDTNNDGWIEGDELLA(NH2)
;
_entity_poly.pdbx_strand_id   A
#
loop_
_chem_comp.id
_chem_comp.type
_chem_comp.name
_chem_comp.formula
LA non-polymer 'LANTHANUM (III) ION' 'La 3'
NH2 non-polymer 'AMINO GROUP' 'H2 N'
#
# COMPACT_ATOMS: atom_id res chain seq x y z
N PHE A 1 3.89 1.32 8.83
CA PHE A 1 4.06 1.16 7.41
C PHE A 1 4.07 2.46 6.61
N ILE A 2 4.57 2.61 5.40
CA ILE A 2 4.51 3.77 4.55
C ILE A 2 3.87 3.43 3.20
N ASP A 3 2.62 3.91 2.95
CA ASP A 3 1.82 3.50 1.92
C ASP A 3 2.18 4.22 0.66
N THR A 4 2.62 3.45 -0.38
CA THR A 4 3.08 3.88 -1.75
C THR A 4 2.02 4.73 -2.37
N ASN A 5 0.70 4.33 -2.48
CA ASN A 5 -0.25 5.16 -3.17
C ASN A 5 -1.00 6.08 -2.20
N ASN A 6 -0.45 6.40 -0.99
CA ASN A 6 -1.01 7.23 0.08
C ASN A 6 -2.54 7.28 0.29
N ASP A 7 -3.06 6.18 0.74
CA ASP A 7 -4.35 6.13 1.48
C ASP A 7 -4.16 5.68 2.89
N GLY A 8 -2.97 5.08 3.26
CA GLY A 8 -2.63 4.62 4.64
C GLY A 8 -3.26 3.23 4.91
N TRP A 9 -3.88 2.50 3.92
CA TRP A 9 -4.34 1.21 4.10
C TRP A 9 -3.42 0.34 3.23
N ILE A 10 -3.35 -0.90 3.55
CA ILE A 10 -2.84 -1.92 2.64
C ILE A 10 -3.98 -2.63 1.91
N GLU A 11 -4.07 -2.58 0.54
CA GLU A 11 -4.92 -3.27 -0.39
C GLU A 11 -4.36 -4.52 -0.99
N GLY A 12 -5.24 -5.44 -1.26
CA GLY A 12 -4.80 -6.66 -1.92
C GLY A 12 -4.19 -6.35 -3.25
N ASP A 13 -3.02 -6.92 -3.56
CA ASP A 13 -2.27 -6.88 -4.74
C ASP A 13 -1.74 -5.36 -5.09
N GLU A 14 -1.62 -4.45 -4.11
CA GLU A 14 -1.05 -3.16 -4.20
C GLU A 14 0.48 -3.38 -4.05
N LEU A 15 1.21 -2.45 -4.69
CA LEU A 15 2.64 -2.50 -4.72
C LEU A 15 3.19 -2.06 -3.42
N LEU A 16 4.10 -2.87 -2.84
CA LEU A 16 4.74 -2.56 -1.61
C LEU A 16 5.97 -1.63 -1.79
N ALA A 17 6.11 -0.57 -0.96
CA ALA A 17 7.29 0.29 -0.91
C ALA A 17 8.48 -0.42 -0.16
N NH2 A 18 9.73 -0.19 -0.59
HN1 NH2 A 18 10.36 -0.89 -0.29
HN2 NH2 A 18 9.87 0.49 -1.31
LA LA B . -2.74 1.66 -0.09
N PHE A 1 8.90 -1.61 2.84
CA PHE A 1 7.83 -1.41 1.76
C PHE A 1 7.19 0.00 1.72
N ILE A 2 6.72 0.44 0.56
CA ILE A 2 5.99 1.74 0.46
C ILE A 2 4.68 1.42 -0.13
N ASP A 3 3.66 2.12 0.40
CA ASP A 3 2.30 2.28 -0.05
C ASP A 3 2.20 3.51 -0.96
N THR A 4 1.78 3.35 -2.24
CA THR A 4 2.06 4.20 -3.35
C THR A 4 1.54 5.63 -3.26
N ASN A 5 0.32 5.86 -2.73
CA ASN A 5 -0.26 7.20 -2.46
C ASN A 5 -0.28 7.49 -0.97
N ASN A 6 0.34 6.56 -0.21
CA ASN A 6 0.55 6.48 1.25
C ASN A 6 -0.67 6.66 2.07
N ASP A 7 -1.84 6.13 1.62
CA ASP A 7 -3.09 6.27 2.22
C ASP A 7 -3.31 5.82 3.65
N GLY A 8 -2.60 4.82 4.11
CA GLY A 8 -2.78 4.21 5.40
C GLY A 8 -3.77 3.13 5.32
N TRP A 9 -4.20 2.74 4.09
CA TRP A 9 -5.07 1.58 3.98
C TRP A 9 -4.44 0.49 3.16
N ILE A 10 -4.77 -0.83 3.41
CA ILE A 10 -4.19 -1.90 2.62
C ILE A 10 -5.12 -2.39 1.48
N GLU A 11 -4.67 -2.36 0.21
CA GLU A 11 -5.30 -3.10 -0.92
C GLU A 11 -4.35 -4.28 -1.17
N GLY A 12 -4.95 -5.49 -1.45
CA GLY A 12 -4.17 -6.66 -1.74
C GLY A 12 -3.00 -6.54 -2.70
N ASP A 13 -1.78 -7.10 -2.33
CA ASP A 13 -0.59 -7.09 -3.22
C ASP A 13 -0.15 -5.69 -3.63
N GLU A 14 -0.40 -4.58 -2.92
CA GLU A 14 -0.21 -3.25 -3.43
C GLU A 14 1.21 -2.81 -3.31
N LEU A 15 2.10 -3.41 -2.39
CA LEU A 15 3.33 -2.80 -2.01
C LEU A 15 4.48 -2.64 -3.05
N LEU A 16 4.99 -1.34 -3.12
CA LEU A 16 6.06 -0.92 -4.03
C LEU A 16 7.34 -0.86 -3.16
N ALA A 17 8.44 -1.45 -3.69
CA ALA A 17 9.71 -1.58 -3.06
C ALA A 17 10.67 -0.35 -3.13
N NH2 A 18 11.01 0.15 -1.96
HN1 NH2 A 18 11.80 0.76 -1.91
HN2 NH2 A 18 10.54 -0.10 -1.10
LA LA B . -2.74 1.66 -0.09
N PHE A 1 6.65 -1.05 5.47
CA PHE A 1 6.94 -0.80 3.99
C PHE A 1 6.24 0.50 3.46
N ILE A 2 6.69 1.06 2.32
CA ILE A 2 6.15 2.35 1.80
C ILE A 2 4.91 2.11 0.94
N ASP A 3 3.74 2.62 1.43
CA ASP A 3 2.47 2.50 0.71
C ASP A 3 2.34 3.65 -0.27
N THR A 4 2.38 3.25 -1.57
CA THR A 4 2.77 4.17 -2.68
C THR A 4 1.67 5.01 -3.28
N ASN A 5 0.45 4.83 -2.76
CA ASN A 5 -0.61 5.70 -3.04
C ASN A 5 -0.86 6.53 -1.81
N ASN A 6 0.05 6.44 -0.77
CA ASN A 6 0.13 7.14 0.52
C ASN A 6 -1.20 7.41 1.07
N ASP A 7 -2.04 6.40 1.23
CA ASP A 7 -3.44 6.49 1.63
C ASP A 7 -3.51 6.15 3.14
N GLY A 8 -2.70 5.22 3.67
CA GLY A 8 -2.65 4.71 4.97
C GLY A 8 -3.63 3.52 5.13
N TRP A 9 -4.15 2.93 4.02
CA TRP A 9 -4.90 1.74 3.94
C TRP A 9 -4.14 0.63 3.15
N ILE A 10 -4.26 -0.70 3.50
CA ILE A 10 -3.59 -1.77 2.74
C ILE A 10 -4.61 -2.43 1.76
N GLU A 11 -4.39 -2.43 0.44
CA GLU A 11 -5.09 -3.07 -0.61
C GLU A 11 -4.21 -4.19 -1.10
N GLY A 12 -4.78 -5.33 -1.37
CA GLY A 12 -4.11 -6.41 -2.07
C GLY A 12 -3.27 -6.06 -3.28
N ASP A 13 -2.17 -6.73 -3.45
CA ASP A 13 -1.25 -6.62 -4.51
C ASP A 13 -0.65 -5.18 -4.83
N GLU A 14 -0.58 -4.19 -3.93
CA GLU A 14 -0.08 -2.86 -4.18
C GLU A 14 1.41 -2.69 -3.73
N LEU A 15 1.99 -3.51 -2.90
CA LEU A 15 3.30 -3.30 -2.32
C LEU A 15 4.36 -3.88 -3.25
N LEU A 16 5.43 -3.10 -3.58
CA LEU A 16 6.49 -3.47 -4.49
C LEU A 16 7.54 -4.34 -3.76
N ALA A 17 7.87 -5.49 -4.33
CA ALA A 17 8.57 -6.63 -3.75
C ALA A 17 9.89 -6.18 -3.09
N NH2 A 18 10.01 -6.62 -1.82
HN1 NH2 A 18 10.55 -6.07 -1.19
HN2 NH2 A 18 9.39 -7.27 -1.34
LA LA B . -2.74 1.66 -0.09
N PHE A 1 8.21 -1.23 2.51
CA PHE A 1 7.54 -0.55 1.44
C PHE A 1 6.92 0.74 1.83
N ILE A 2 6.75 1.61 0.83
CA ILE A 2 5.99 2.86 1.04
C ILE A 2 4.63 2.78 0.28
N ASP A 3 3.52 3.15 0.95
CA ASP A 3 2.13 3.10 0.45
C ASP A 3 1.87 4.35 -0.44
N THR A 4 1.79 4.16 -1.80
CA THR A 4 1.99 5.31 -2.67
C THR A 4 0.78 6.26 -2.78
N ASN A 5 -0.40 5.85 -2.43
CA ASN A 5 -1.66 6.61 -2.51
C ASN A 5 -1.86 7.23 -1.14
N ASN A 6 -0.83 7.07 -0.24
CA ASN A 6 -0.79 7.71 1.06
C ASN A 6 -1.72 7.13 2.11
N ASP A 7 -2.81 6.37 1.73
CA ASP A 7 -3.91 5.90 2.50
C ASP A 7 -3.64 5.14 3.76
N GLY A 8 -2.65 4.18 3.67
CA GLY A 8 -2.24 3.38 4.85
C GLY A 8 -3.10 2.21 5.06
N TRP A 9 -3.92 1.97 3.99
CA TRP A 9 -4.86 0.87 3.84
C TRP A 9 -4.24 -0.17 2.92
N ILE A 10 -4.40 -1.44 3.16
CA ILE A 10 -4.03 -2.43 2.18
C ILE A 10 -5.26 -2.70 1.35
N GLU A 11 -5.17 -2.29 0.09
CA GLU A 11 -6.13 -2.75 -1.00
C GLU A 11 -5.33 -3.64 -1.93
N GLY A 12 -5.75 -4.89 -2.11
CA GLY A 12 -5.30 -5.55 -3.29
C GLY A 12 -4.04 -6.37 -3.16
N ASP A 13 -3.74 -6.88 -1.94
CA ASP A 13 -2.53 -7.52 -1.57
C ASP A 13 -1.27 -6.68 -1.82
N GLU A 14 -1.43 -5.35 -1.42
CA GLU A 14 -0.53 -4.31 -1.77
C GLU A 14 0.96 -4.50 -1.31
N LEU A 15 1.20 -5.08 -0.10
CA LEU A 15 2.52 -5.12 0.45
C LEU A 15 3.54 -6.01 -0.26
N LEU A 16 4.75 -5.45 -0.39
CA LEU A 16 5.79 -6.02 -1.22
C LEU A 16 6.62 -6.98 -0.45
N ALA A 17 6.98 -8.11 -1.12
CA ALA A 17 7.77 -9.19 -0.47
C ALA A 17 9.27 -8.83 -0.77
N NH2 A 18 10.25 -9.51 -0.20
HN1 NH2 A 18 10.07 -10.27 0.44
HN2 NH2 A 18 11.19 -9.48 -0.54
LA LA B . -2.74 1.66 -0.09
N PHE A 1 3.37 -2.91 -2.67
CA PHE A 1 3.88 -1.79 -3.52
C PHE A 1 3.50 -0.46 -2.86
N ILE A 2 4.36 0.59 -2.89
CA ILE A 2 4.15 1.89 -2.32
C ILE A 2 2.86 2.64 -2.80
N ASP A 3 2.27 3.45 -1.86
CA ASP A 3 1.20 4.43 -2.14
C ASP A 3 1.84 5.81 -2.27
N THR A 4 1.96 6.34 -3.49
CA THR A 4 2.52 7.65 -3.66
C THR A 4 1.75 8.80 -3.02
N ASN A 5 0.41 8.71 -2.93
CA ASN A 5 -0.45 9.70 -2.37
C ASN A 5 -0.98 9.38 -0.96
N ASN A 6 -0.40 8.32 -0.35
CA ASN A 6 -0.61 7.90 1.06
C ASN A 6 -2.05 7.78 1.41
N ASP A 7 -2.67 6.60 1.04
CA ASP A 7 -4.08 6.35 1.17
C ASP A 7 -4.53 5.85 2.63
N GLY A 8 -3.67 5.10 3.30
CA GLY A 8 -3.71 4.51 4.65
C GLY A 8 -4.37 3.16 4.73
N TRP A 9 -4.88 2.67 3.56
CA TRP A 9 -5.78 1.51 3.49
C TRP A 9 -5.08 0.46 2.65
N ILE A 10 -5.22 -0.86 3.01
CA ILE A 10 -4.69 -1.92 2.24
C ILE A 10 -5.69 -2.32 1.09
N GLU A 11 -5.40 -1.99 -0.21
CA GLU A 11 -6.27 -2.25 -1.39
C GLU A 11 -5.53 -3.17 -2.36
N GLY A 12 -6.14 -4.37 -2.55
CA GLY A 12 -5.65 -5.43 -3.49
C GLY A 12 -4.34 -5.96 -3.10
N ASP A 13 -4.10 -6.02 -1.81
CA ASP A 13 -2.94 -6.49 -1.13
C ASP A 13 -1.80 -5.62 -1.43
N GLU A 14 -2.03 -4.36 -1.80
CA GLU A 14 -1.03 -3.39 -2.14
C GLU A 14 -0.32 -3.70 -3.45
N LEU A 15 -0.80 -4.67 -4.24
CA LEU A 15 -0.17 -4.90 -5.49
C LEU A 15 -0.77 -4.10 -6.60
N LEU A 16 0.05 -3.51 -7.54
CA LEU A 16 -0.52 -2.76 -8.67
C LEU A 16 -0.68 -3.68 -9.89
N ALA A 17 -1.95 -3.81 -10.39
CA ALA A 17 -2.03 -4.48 -11.66
C ALA A 17 -1.63 -3.60 -12.89
N NH2 A 18 -2.22 -2.39 -12.99
HN1 NH2 A 18 -3.14 -2.25 -12.64
HN2 NH2 A 18 -1.79 -1.75 -13.63
LA LA B . -2.74 1.66 -0.09
N PHE A 1 8.18 0.11 5.07
CA PHE A 1 7.56 -0.09 3.75
C PHE A 1 6.74 1.14 3.35
N ILE A 2 6.88 1.81 2.20
CA ILE A 2 6.08 3.02 1.96
C ILE A 2 4.91 2.77 0.95
N ASP A 3 3.68 3.11 1.35
CA ASP A 3 2.54 3.06 0.52
C ASP A 3 2.40 4.42 -0.16
N THR A 4 2.90 4.61 -1.43
CA THR A 4 3.26 5.82 -2.12
C THR A 4 2.25 6.82 -2.25
N ASN A 5 0.92 6.56 -2.25
CA ASN A 5 -0.06 7.63 -2.35
C ASN A 5 -0.69 8.01 -0.99
N ASN A 6 -0.06 7.53 0.10
CA ASN A 6 -0.42 8.12 1.42
C ASN A 6 -1.80 7.82 1.98
N ASP A 7 -2.36 6.63 1.64
CA ASP A 7 -3.70 6.31 2.09
C ASP A 7 -3.84 5.77 3.51
N GLY A 8 -2.79 5.05 4.01
CA GLY A 8 -2.80 4.51 5.37
C GLY A 8 -3.48 3.15 5.43
N TRP A 9 -4.05 2.66 4.27
CA TRP A 9 -4.77 1.47 4.16
C TRP A 9 -4.01 0.48 3.29
N ILE A 10 -4.09 -0.82 3.64
CA ILE A 10 -3.49 -1.86 2.85
C ILE A 10 -4.50 -2.48 1.97
N GLU A 11 -4.42 -2.35 0.67
CA GLU A 11 -5.25 -3.02 -0.26
C GLU A 11 -4.57 -4.20 -0.83
N GLY A 12 -5.33 -5.28 -0.93
CA GLY A 12 -4.87 -6.63 -1.26
C GLY A 12 -3.94 -6.81 -2.41
N ASP A 13 -2.67 -7.15 -2.04
CA ASP A 13 -1.55 -7.34 -2.92
C ASP A 13 -1.13 -6.05 -3.68
N GLU A 14 -1.38 -4.87 -3.00
CA GLU A 14 -0.79 -3.65 -3.54
C GLU A 14 0.66 -3.69 -3.31
N LEU A 15 1.41 -2.96 -4.17
CA LEU A 15 2.82 -2.96 -4.15
C LEU A 15 3.29 -1.85 -3.25
N LEU A 16 4.17 -2.19 -2.25
CA LEU A 16 4.80 -1.16 -1.46
C LEU A 16 6.27 -0.91 -1.88
N ALA A 17 6.67 0.35 -1.90
CA ALA A 17 8.10 0.65 -2.19
C ALA A 17 8.95 0.55 -0.97
N NH2 A 18 9.87 -0.42 -0.99
HN1 NH2 A 18 9.91 -1.03 -1.78
HN2 NH2 A 18 10.57 -0.51 -0.28
LA LA B . -2.74 1.66 -0.09
N PHE A 1 3.68 6.59 -9.48
CA PHE A 1 3.85 7.06 -8.11
C PHE A 1 3.70 5.99 -7.11
N ILE A 2 4.33 6.09 -5.93
CA ILE A 2 4.06 5.21 -4.79
C ILE A 2 2.73 5.50 -4.12
N ASP A 3 2.24 4.43 -3.48
CA ASP A 3 1.22 4.38 -2.50
C ASP A 3 1.70 4.75 -1.09
N THR A 4 1.36 5.93 -0.56
CA THR A 4 1.68 6.50 0.76
C THR A 4 1.01 5.68 1.89
N ASN A 5 1.69 5.43 3.02
CA ASN A 5 1.31 4.48 4.02
C ASN A 5 0.49 5.13 5.14
N ASN A 6 -0.17 6.24 4.79
CA ASN A 6 -0.91 7.10 5.75
C ASN A 6 -2.38 7.02 5.37
N ASP A 7 -2.74 5.98 4.55
CA ASP A 7 -4.14 5.58 4.11
C ASP A 7 -5.05 5.38 5.36
N GLY A 8 -4.54 4.72 6.39
CA GLY A 8 -5.21 4.41 7.59
C GLY A 8 -6.09 3.19 7.61
N TRP A 9 -6.20 2.57 6.45
CA TRP A 9 -6.92 1.28 6.36
C TRP A 9 -5.72 0.37 5.82
N ILE A 10 -5.87 -0.96 6.21
CA ILE A 10 -5.00 -2.03 5.83
C ILE A 10 -5.64 -2.78 4.73
N GLU A 11 -4.94 -2.84 3.62
CA GLU A 11 -5.33 -3.53 2.45
C GLU A 11 -4.77 -4.92 2.40
N GLY A 12 -5.71 -5.90 2.36
CA GLY A 12 -5.36 -7.26 2.08
C GLY A 12 -4.56 -7.45 0.76
N ASP A 13 -3.35 -8.06 0.88
CA ASP A 13 -2.50 -8.49 -0.21
C ASP A 13 -1.94 -7.34 -1.01
N GLU A 14 -1.62 -6.21 -0.35
CA GLU A 14 -1.02 -5.04 -0.87
C GLU A 14 0.39 -5.24 -1.10
N LEU A 15 1.09 -6.04 -0.27
CA LEU A 15 2.55 -6.26 -0.38
C LEU A 15 2.96 -7.09 -1.62
N LEU A 16 4.01 -6.65 -2.31
CA LEU A 16 4.54 -7.18 -3.53
C LEU A 16 5.36 -8.41 -3.20
N ALA A 17 4.93 -9.54 -3.86
CA ALA A 17 5.80 -10.73 -4.07
C ALA A 17 6.64 -10.55 -5.45
N NH2 A 18 7.70 -9.72 -5.30
HN1 NH2 A 18 8.02 -9.30 -4.47
HN2 NH2 A 18 8.10 -9.39 -6.16
LA LA B . -2.74 1.66 -0.09
N PHE A 1 4.65 2.14 8.97
CA PHE A 1 4.75 1.29 7.74
C PHE A 1 4.54 2.23 6.54
N ILE A 2 5.18 1.97 5.44
CA ILE A 2 5.02 2.79 4.22
C ILE A 2 3.87 2.26 3.38
N ASP A 3 2.75 2.99 3.26
CA ASP A 3 1.84 2.83 2.16
C ASP A 3 2.35 3.58 0.95
N THR A 4 2.72 2.85 -0.17
CA THR A 4 3.34 3.41 -1.36
C THR A 4 2.56 4.51 -1.95
N ASN A 5 1.20 4.40 -2.00
CA ASN A 5 0.36 5.39 -2.52
C ASN A 5 -0.21 6.29 -1.44
N ASN A 6 0.27 6.22 -0.16
CA ASN A 6 -0.09 7.19 0.91
C ASN A 6 -1.50 7.29 1.47
N ASP A 7 -2.30 6.23 1.35
CA ASP A 7 -3.66 6.20 1.79
C ASP A 7 -3.74 5.57 3.21
N GLY A 8 -2.71 4.84 3.54
CA GLY A 8 -2.25 4.30 4.83
C GLY A 8 -2.74 2.95 5.05
N TRP A 9 -3.38 2.35 4.02
CA TRP A 9 -3.96 1.06 4.09
C TRP A 9 -3.27 0.11 3.23
N ILE A 10 -3.07 -1.13 3.73
CA ILE A 10 -2.30 -2.14 2.97
C ILE A 10 -3.34 -3.16 2.43
N GLU A 11 -3.40 -3.16 1.09
CA GLU A 11 -4.42 -3.87 0.40
C GLU A 11 -3.66 -4.95 -0.44
N GLY A 12 -4.35 -6.07 -0.44
CA GLY A 12 -3.76 -7.17 -1.18
C GLY A 12 -3.58 -6.94 -2.60
N ASP A 13 -2.40 -7.33 -3.12
CA ASP A 13 -1.75 -7.07 -4.36
C ASP A 13 -1.47 -5.62 -4.73
N GLU A 14 -1.30 -4.65 -3.77
CA GLU A 14 -0.76 -3.27 -4.01
C GLU A 14 0.81 -3.29 -3.92
N LEU A 15 1.57 -2.26 -4.25
CA LEU A 15 3.00 -2.21 -4.16
C LEU A 15 3.46 -2.06 -2.74
N LEU A 16 4.42 -2.92 -2.37
CA LEU A 16 5.20 -2.98 -1.14
C LEU A 16 6.45 -2.19 -1.34
N ALA A 17 6.76 -1.20 -0.43
CA ALA A 17 7.85 -0.30 -0.52
C ALA A 17 9.18 -1.07 -0.15
N NH2 A 18 10.13 -1.28 -1.14
HN1 NH2 A 18 10.96 -1.72 -0.78
HN2 NH2 A 18 10.12 -0.67 -1.93
LA LA B . -2.74 1.66 -0.09
N PHE A 1 4.82 -0.78 7.25
CA PHE A 1 4.93 -1.07 5.81
C PHE A 1 4.81 0.22 5.00
N ILE A 2 5.22 0.14 3.76
CA ILE A 2 5.43 1.23 2.84
C ILE A 2 4.18 1.24 1.92
N ASP A 3 3.26 2.20 1.97
CA ASP A 3 2.14 2.27 1.11
C ASP A 3 2.39 3.02 -0.19
N THR A 4 2.34 2.31 -1.33
CA THR A 4 2.59 2.89 -2.63
C THR A 4 1.86 4.15 -3.04
N ASN A 5 0.60 4.17 -2.76
CA ASN A 5 -0.31 5.27 -3.06
C ASN A 5 -0.61 6.16 -1.85
N ASN A 6 0.22 6.14 -0.83
CA ASN A 6 0.24 7.00 0.33
C ASN A 6 -1.03 7.07 1.12
N ASP A 7 -1.93 6.03 1.11
CA ASP A 7 -3.12 6.05 1.97
C ASP A 7 -3.00 5.42 3.43
N GLY A 8 -2.03 4.53 3.58
CA GLY A 8 -1.68 3.83 4.78
C GLY A 8 -2.36 2.52 5.00
N TRP A 9 -3.28 2.12 4.11
CA TRP A 9 -4.14 0.88 4.10
C TRP A 9 -3.58 -0.02 3.03
N ILE A 10 -3.60 -1.37 3.27
CA ILE A 10 -3.02 -2.33 2.33
C ILE A 10 -4.06 -2.78 1.27
N GLU A 11 -3.77 -2.64 -0.05
CA GLU A 11 -4.53 -3.22 -1.13
C GLU A 11 -3.87 -4.55 -1.47
N GLY A 12 -4.67 -5.56 -1.81
CA GLY A 12 -4.05 -6.79 -2.29
C GLY A 12 -3.05 -6.67 -3.39
N ASP A 13 -1.89 -7.32 -3.24
CA ASP A 13 -0.74 -7.25 -4.10
C ASP A 13 -0.20 -5.77 -4.28
N GLU A 14 -0.40 -4.77 -3.33
CA GLU A 14 0.21 -3.50 -3.19
C GLU A 14 1.64 -3.58 -2.90
N LEU A 15 1.96 -4.51 -2.02
CA LEU A 15 3.26 -4.78 -1.40
C LEU A 15 4.13 -5.42 -2.42
N LEU A 16 5.47 -5.19 -2.47
CA LEU A 16 6.20 -5.77 -3.55
C LEU A 16 6.63 -7.19 -3.17
N ALA A 17 6.42 -8.17 -4.07
CA ALA A 17 6.51 -9.60 -3.91
C ALA A 17 7.98 -10.04 -3.50
N NH2 A 18 8.95 -9.64 -4.30
HN1 NH2 A 18 8.66 -9.20 -5.15
HN2 NH2 A 18 9.85 -9.58 -3.88
LA LA B . -2.74 1.66 -0.09
N PHE A 1 4.72 2.90 8.53
CA PHE A 1 4.97 2.33 7.20
C PHE A 1 4.62 3.37 6.13
N ILE A 2 5.27 3.38 4.95
CA ILE A 2 5.11 4.10 3.81
C ILE A 2 4.00 3.32 2.97
N ASP A 3 2.83 3.90 2.82
CA ASP A 3 1.90 3.42 1.81
C ASP A 3 2.31 4.19 0.59
N THR A 4 2.87 3.42 -0.39
CA THR A 4 3.23 3.91 -1.72
C THR A 4 2.15 4.70 -2.45
N ASN A 5 0.97 4.26 -2.49
CA ASN A 5 -0.15 5.10 -3.02
C ASN A 5 -0.87 6.04 -2.01
N ASN A 6 -0.20 6.30 -0.81
CA ASN A 6 -0.54 7.11 0.29
C ASN A 6 -2.03 7.38 0.54
N ASP A 7 -2.70 6.24 0.74
CA ASP A 7 -3.97 6.18 1.26
C ASP A 7 -3.77 5.82 2.72
N GLY A 8 -2.77 4.97 3.04
CA GLY A 8 -2.30 4.66 4.32
C GLY A 8 -2.91 3.35 4.72
N TRP A 9 -3.56 2.68 3.84
CA TRP A 9 -4.29 1.44 4.16
C TRP A 9 -3.58 0.37 3.30
N ILE A 10 -3.55 -0.93 3.75
CA ILE A 10 -3.10 -2.06 2.94
C ILE A 10 -4.21 -2.71 2.10
N GLU A 11 -4.10 -2.59 0.71
CA GLU A 11 -4.91 -3.24 -0.31
C GLU A 11 -4.12 -4.41 -0.74
N GLY A 12 -4.75 -5.55 -1.01
CA GLY A 12 -4.02 -6.59 -1.81
C GLY A 12 -3.59 -6.13 -3.18
N ASP A 13 -2.56 -6.82 -3.76
CA ASP A 13 -2.08 -6.61 -5.08
C ASP A 13 -1.59 -5.15 -5.33
N GLU A 14 -1.24 -4.48 -4.19
CA GLU A 14 -0.78 -3.02 -4.23
C GLU A 14 0.73 -3.29 -3.92
N LEU A 15 1.61 -2.36 -4.37
CA LEU A 15 3.08 -2.59 -4.34
C LEU A 15 3.66 -2.15 -3.04
N LEU A 16 4.38 -3.10 -2.44
CA LEU A 16 5.01 -2.87 -1.21
C LEU A 16 6.32 -2.08 -1.32
N ALA A 17 6.36 -0.90 -0.58
CA ALA A 17 7.60 -0.31 -0.06
C ALA A 17 7.90 -0.67 1.43
N NH2 A 18 6.88 -0.70 2.28
HN1 NH2 A 18 7.09 -0.95 3.22
HN2 NH2 A 18 5.95 -0.38 2.07
LA LA B . -2.74 1.66 -0.09
N PHE A 1 6.26 -3.17 3.92
CA PHE A 1 6.35 -2.62 2.55
C PHE A 1 5.73 -1.32 2.38
N ILE A 2 6.14 -0.63 1.33
CA ILE A 2 5.75 0.67 0.94
C ILE A 2 4.36 0.83 0.31
N ASP A 3 3.48 1.50 1.04
CA ASP A 3 2.10 1.85 0.49
C ASP A 3 2.21 2.98 -0.49
N THR A 4 2.04 2.69 -1.85
CA THR A 4 2.53 3.68 -2.82
C THR A 4 1.58 4.81 -3.00
N ASN A 5 0.30 4.57 -2.84
CA ASN A 5 -0.75 5.54 -2.98
C ASN A 5 -1.12 6.18 -1.62
N ASN A 6 -0.23 6.19 -0.60
CA ASN A 6 -0.22 7.03 0.55
C ASN A 6 -1.43 6.97 1.58
N ASP A 7 -2.28 5.95 1.52
CA ASP A 7 -3.56 6.04 2.07
C ASP A 7 -3.64 5.56 3.52
N GLY A 8 -2.72 4.69 3.91
CA GLY A 8 -2.66 3.92 5.22
C GLY A 8 -3.37 2.65 5.19
N TRP A 9 -3.93 2.15 4.10
CA TRP A 9 -4.67 0.85 3.99
C TRP A 9 -3.94 -0.04 3.09
N ILE A 10 -3.92 -1.37 3.37
CA ILE A 10 -3.34 -2.29 2.38
C ILE A 10 -4.40 -2.86 1.52
N GLU A 11 -4.41 -2.52 0.25
CA GLU A 11 -5.35 -2.97 -0.81
C GLU A 11 -4.59 -3.75 -1.84
N GLY A 12 -5.02 -5.02 -2.05
CA GLY A 12 -4.56 -5.91 -3.06
C GLY A 12 -3.07 -6.02 -3.10
N ASP A 13 -2.48 -6.04 -1.89
CA ASP A 13 -1.06 -6.08 -1.65
C ASP A 13 -0.24 -4.95 -2.30
N GLU A 14 -0.89 -3.76 -2.52
CA GLU A 14 -0.30 -2.53 -2.99
C GLU A 14 0.15 -2.62 -4.40
N LEU A 15 0.04 -1.52 -5.21
CA LEU A 15 0.55 -1.42 -6.60
C LEU A 15 2.07 -1.49 -6.68
N LEU A 16 2.66 -2.32 -7.50
CA LEU A 16 4.09 -2.47 -7.60
C LEU A 16 4.62 -1.71 -8.87
N ALA A 17 5.74 -0.91 -8.80
CA ALA A 17 5.97 0.13 -9.81
C ALA A 17 6.57 -0.41 -11.13
N NH2 A 18 7.77 -1.02 -10.96
HN1 NH2 A 18 8.20 -1.52 -11.72
HN2 NH2 A 18 8.26 -0.99 -10.10
LA LA B . -2.74 1.66 -0.09
N PHE A 1 4.60 -0.62 7.37
CA PHE A 1 4.53 -0.84 5.91
C PHE A 1 4.57 0.50 5.26
N ILE A 2 5.32 0.69 4.17
CA ILE A 2 5.25 1.92 3.36
C ILE A 2 4.29 1.80 2.27
N ASP A 3 3.12 2.50 2.39
CA ASP A 3 2.04 2.61 1.44
C ASP A 3 2.40 3.64 0.37
N THR A 4 2.77 3.14 -0.84
CA THR A 4 3.21 3.82 -2.03
C THR A 4 2.20 4.87 -2.55
N ASN A 5 0.90 4.49 -2.45
CA ASN A 5 -0.09 5.39 -3.01
C ASN A 5 -0.83 6.23 -1.93
N ASN A 6 -0.33 6.08 -0.68
CA ASN A 6 -0.32 7.25 0.28
C ASN A 6 -1.71 7.39 0.93
N ASP A 7 -2.51 6.28 0.99
CA ASP A 7 -3.77 6.27 1.64
C ASP A 7 -3.70 5.78 3.02
N GLY A 8 -2.56 5.20 3.49
CA GLY A 8 -2.40 4.75 4.84
C GLY A 8 -2.86 3.28 5.06
N TRP A 9 -3.48 2.66 4.10
CA TRP A 9 -4.16 1.29 4.28
C TRP A 9 -3.45 0.39 3.32
N ILE A 10 -3.54 -0.92 3.63
CA ILE A 10 -2.92 -2.06 2.90
C ILE A 10 -3.98 -2.78 2.06
N GLU A 11 -3.87 -2.76 0.72
CA GLU A 11 -4.82 -3.38 -0.24
C GLU A 11 -4.19 -4.52 -0.93
N GLY A 12 -5.00 -5.60 -1.33
CA GLY A 12 -4.42 -6.70 -2.16
C GLY A 12 -3.52 -6.27 -3.34
N ASP A 13 -2.28 -6.83 -3.37
CA ASP A 13 -1.35 -6.78 -4.48
C ASP A 13 -0.81 -5.44 -4.90
N GLU A 14 -0.88 -4.40 -4.04
CA GLU A 14 -0.12 -3.17 -4.23
C GLU A 14 1.33 -3.55 -3.73
N LEU A 15 1.49 -4.35 -2.66
CA LEU A 15 2.65 -5.00 -2.27
C LEU A 15 2.62 -6.42 -2.76
N LEU A 16 3.63 -6.74 -3.58
CA LEU A 16 3.86 -8.00 -4.08
C LEU A 16 4.68 -8.96 -3.21
N ALA A 17 4.12 -10.15 -2.96
CA ALA A 17 4.56 -11.05 -1.90
C ALA A 17 5.52 -12.20 -2.41
N NH2 A 18 6.79 -11.85 -2.55
HN1 NH2 A 18 7.08 -10.90 -2.63
HN2 NH2 A 18 7.44 -12.60 -2.66
LA LA B . -2.74 1.66 -0.09
N PHE A 1 2.70 8.52 -9.30
CA PHE A 1 1.90 8.54 -8.15
C PHE A 1 2.44 7.57 -7.14
N ILE A 2 2.55 7.91 -5.86
CA ILE A 2 2.97 7.09 -4.74
C ILE A 2 1.84 6.91 -3.72
N ASP A 3 1.50 5.59 -3.45
CA ASP A 3 0.51 5.12 -2.53
C ASP A 3 1.18 4.95 -1.09
N THR A 4 1.20 6.03 -0.33
CA THR A 4 1.87 6.16 0.99
C THR A 4 1.23 5.22 2.00
N ASN A 5 1.92 4.72 3.01
CA ASN A 5 1.22 3.87 4.02
C ASN A 5 0.65 4.63 5.22
N ASN A 6 -0.02 5.79 4.90
CA ASN A 6 -0.61 6.61 5.98
C ASN A 6 -2.09 6.40 5.92
N ASP A 7 -2.63 5.42 5.15
CA ASP A 7 -4.05 5.18 4.81
C ASP A 7 -4.96 4.94 6.08
N GLY A 8 -4.62 4.08 7.01
CA GLY A 8 -5.19 4.06 8.37
C GLY A 8 -6.37 3.06 8.45
N TRP A 9 -6.79 2.49 7.28
CA TRP A 9 -7.60 1.35 7.29
C TRP A 9 -6.65 0.21 6.79
N ILE A 10 -6.76 -1.06 7.19
CA ILE A 10 -5.88 -2.15 6.74
C ILE A 10 -6.39 -2.79 5.41
N GLU A 11 -5.39 -2.98 4.50
CA GLU A 11 -5.50 -3.48 3.14
C GLU A 11 -4.96 -4.84 3.08
N GLY A 12 -5.81 -5.83 2.70
CA GLY A 12 -5.40 -7.10 2.19
C GLY A 12 -4.39 -7.12 1.00
N ASP A 13 -3.36 -7.97 1.05
CA ASP A 13 -2.45 -8.20 -0.02
C ASP A 13 -1.80 -6.92 -0.64
N GLU A 14 -1.44 -5.93 0.28
CA GLU A 14 -0.59 -4.82 -0.16
C GLU A 14 0.71 -4.96 0.50
N LEU A 15 1.82 -5.28 -0.23
CA LEU A 15 3.03 -5.82 0.34
C LEU A 15 3.90 -4.93 1.25
N LEU A 16 4.15 -5.37 2.52
CA LEU A 16 4.84 -4.57 3.54
C LEU A 16 6.33 -4.75 3.31
N ALA A 17 7.11 -3.62 3.37
CA ALA A 17 8.56 -3.59 3.27
C ALA A 17 9.24 -3.89 4.65
N NH2 A 18 9.13 -5.13 5.15
HN1 NH2 A 18 9.39 -5.22 6.10
HN2 NH2 A 18 8.90 -5.89 4.54
LA LA B . -2.74 1.66 -0.09
N PHE A 1 5.50 -1.98 3.06
CA PHE A 1 5.24 -0.94 4.14
C PHE A 1 4.04 -0.10 3.69
N ILE A 2 3.27 0.57 4.56
CA ILE A 2 2.18 1.50 4.17
C ILE A 2 2.57 2.59 3.17
N ASP A 3 1.55 2.89 2.29
CA ASP A 3 1.67 3.97 1.41
C ASP A 3 1.27 5.28 2.00
N THR A 4 2.24 6.16 2.36
CA THR A 4 2.07 7.47 2.99
C THR A 4 1.85 8.45 1.82
N ASN A 5 0.97 8.07 0.77
CA ASN A 5 0.78 8.94 -0.32
C ASN A 5 -0.53 9.71 -0.18
N ASN A 6 -0.95 10.00 1.00
CA ASN A 6 -2.29 10.58 1.30
C ASN A 6 -3.25 9.40 1.35
N ASP A 7 -2.77 8.30 1.95
CA ASP A 7 -3.54 7.12 2.23
C ASP A 7 -3.12 6.53 3.56
N GLY A 8 -2.04 5.74 3.60
CA GLY A 8 -1.50 5.15 4.83
C GLY A 8 -2.22 3.93 5.20
N TRP A 9 -3.12 3.41 4.29
CA TRP A 9 -3.95 2.24 4.53
C TRP A 9 -3.33 1.12 3.68
N ILE A 10 -3.32 -0.16 4.20
CA ILE A 10 -3.05 -1.41 3.48
C ILE A 10 -4.39 -1.97 2.99
N GLU A 11 -4.54 -2.04 1.60
CA GLU A 11 -5.54 -2.69 0.79
C GLU A 11 -4.96 -4.00 0.44
N GLY A 12 -5.72 -5.15 0.36
CA GLY A 12 -5.20 -6.49 0.18
C GLY A 12 -4.52 -6.62 -1.11
N ASP A 13 -3.30 -7.02 -1.03
CA ASP A 13 -2.46 -7.29 -2.12
C ASP A 13 -2.09 -6.15 -2.97
N GLU A 14 -1.95 -5.06 -2.25
CA GLU A 14 -1.42 -3.86 -2.79
C GLU A 14 0.10 -4.03 -3.34
N LEU A 15 0.33 -3.50 -4.56
CA LEU A 15 1.64 -3.51 -5.12
C LEU A 15 2.51 -2.46 -4.43
N LEU A 16 3.71 -2.81 -3.99
CA LEU A 16 4.50 -1.86 -3.22
C LEU A 16 5.40 -1.11 -4.21
N ALA A 17 5.44 0.21 -4.15
CA ALA A 17 6.38 1.02 -4.99
C ALA A 17 7.91 0.69 -4.79
N NH2 A 18 8.73 0.44 -5.80
HN1 NH2 A 18 9.63 0.03 -5.66
HN2 NH2 A 18 8.32 0.41 -6.71
LA LA B . -2.74 1.66 -0.09
N PHE A 1 6.14 -4.46 -5.29
CA PHE A 1 5.11 -3.36 -5.38
C PHE A 1 4.89 -2.76 -4.04
N ILE A 2 5.05 -1.47 -3.90
CA ILE A 2 4.93 -0.84 -2.56
C ILE A 2 3.55 -0.21 -2.40
N ASP A 3 3.17 0.48 -1.26
CA ASP A 3 1.90 1.13 -1.23
C ASP A 3 2.14 2.56 -1.70
N THR A 4 1.64 2.82 -2.91
CA THR A 4 1.89 4.07 -3.64
C THR A 4 1.13 5.26 -3.11
N ASN A 5 0.05 4.98 -2.48
CA ASN A 5 -0.86 6.02 -2.01
C ASN A 5 -0.78 6.49 -0.52
N ASN A 6 0.23 5.90 0.15
CA ASN A 6 0.72 6.16 1.49
C ASN A 6 -0.35 6.42 2.63
N ASP A 7 -1.42 5.55 2.59
CA ASP A 7 -2.75 5.73 3.09
C ASP A 7 -3.10 4.93 4.33
N GLY A 8 -2.27 3.93 4.76
CA GLY A 8 -2.37 3.17 6.02
C GLY A 8 -3.29 2.03 5.88
N TRP A 9 -3.73 1.77 4.66
CA TRP A 9 -4.54 0.68 4.17
C TRP A 9 -3.83 -0.12 3.04
N ILE A 10 -3.93 -1.45 3.07
CA ILE A 10 -3.45 -2.38 2.10
C ILE A 10 -4.60 -2.66 1.08
N GLU A 11 -4.35 -2.28 -0.19
CA GLU A 11 -5.17 -2.70 -1.25
C GLU A 11 -4.22 -3.61 -2.14
N GLY A 12 -4.59 -4.94 -2.36
CA GLY A 12 -3.78 -5.77 -3.23
C GLY A 12 -2.38 -6.10 -2.74
N ASP A 13 -2.25 -6.20 -1.39
CA ASP A 13 -1.15 -6.79 -0.62
C ASP A 13 0.13 -5.98 -0.79
N GLU A 14 -0.03 -4.62 -0.99
CA GLU A 14 0.94 -3.54 -0.84
C GLU A 14 2.01 -3.79 0.22
N LEU A 15 3.29 -3.67 -0.24
CA LEU A 15 4.48 -3.83 0.59
C LEU A 15 4.86 -2.55 1.37
N LEU A 16 5.18 -2.60 2.70
CA LEU A 16 5.44 -1.45 3.53
C LEU A 16 6.91 -0.97 3.44
N ALA A 17 7.16 0.28 3.09
CA ALA A 17 8.52 0.70 2.83
C ALA A 17 9.23 1.44 4.07
N NH2 A 18 9.27 0.72 5.23
HN1 NH2 A 18 8.60 0.00 5.36
HN2 NH2 A 18 9.68 1.12 6.05
LA LA B . -2.74 1.66 -0.09
N PHE A 1 0.67 -0.10 -6.37
CA PHE A 1 1.64 -0.72 -5.41
C PHE A 1 1.93 0.19 -4.16
N ILE A 2 2.45 1.37 -4.28
CA ILE A 2 2.97 2.29 -3.19
C ILE A 2 1.86 3.17 -2.81
N ASP A 3 1.84 3.73 -1.63
CA ASP A 3 0.90 4.75 -1.20
C ASP A 3 1.19 6.14 -1.74
N THR A 4 0.61 6.49 -2.90
CA THR A 4 0.96 7.72 -3.66
C THR A 4 0.29 8.89 -2.92
N ASN A 5 -0.88 8.68 -2.34
CA ASN A 5 -1.72 9.69 -1.65
C ASN A 5 -1.48 9.45 -0.16
N ASN A 6 -0.58 8.55 0.32
CA ASN A 6 -0.55 8.13 1.67
C ASN A 6 -1.87 7.70 2.23
N ASP A 7 -2.58 6.75 1.53
CA ASP A 7 -3.98 6.50 1.78
C ASP A 7 -4.32 5.99 3.17
N GLY A 8 -3.43 5.09 3.62
CA GLY A 8 -3.63 4.42 4.81
C GLY A 8 -4.63 3.23 4.75
N TRP A 9 -5.00 2.86 3.53
CA TRP A 9 -6.08 1.99 3.19
C TRP A 9 -5.47 0.80 2.53
N ILE A 10 -5.93 -0.37 2.77
CA ILE A 10 -5.31 -1.49 2.21
C ILE A 10 -6.02 -1.85 0.91
N GLU A 11 -5.35 -1.79 -0.26
CA GLU A 11 -5.95 -2.16 -1.53
C GLU A 11 -5.62 -3.60 -1.82
N GLY A 12 -6.59 -4.41 -2.33
CA GLY A 12 -6.43 -5.88 -2.57
C GLY A 12 -5.11 -6.37 -3.12
N ASP A 13 -4.38 -7.26 -2.39
CA ASP A 13 -3.02 -7.79 -2.52
C ASP A 13 -1.90 -6.72 -2.31
N GLU A 14 -2.15 -5.59 -1.45
CA GLU A 14 -1.26 -4.59 -1.12
C GLU A 14 -0.27 -5.13 -0.13
N LEU A 15 -0.73 -5.87 0.92
CA LEU A 15 0.08 -6.49 1.99
C LEU A 15 0.61 -7.83 1.48
N LEU A 16 1.92 -8.07 1.77
CA LEU A 16 2.64 -9.19 1.43
C LEU A 16 2.89 -10.22 2.55
N ALA A 17 2.35 -11.43 2.43
CA ALA A 17 2.52 -12.61 3.30
C ALA A 17 3.99 -13.04 3.59
N NH2 A 18 4.82 -13.16 2.53
HN1 NH2 A 18 4.55 -12.99 1.58
HN2 NH2 A 18 5.76 -13.47 2.62
LA LA B . -2.74 1.66 -0.09
N PHE A 1 8.85 5.43 0.10
CA PHE A 1 7.89 4.59 0.99
C PHE A 1 7.36 3.34 0.34
N ILE A 2 6.52 2.51 0.98
CA ILE A 2 6.14 1.20 0.37
C ILE A 2 4.70 1.19 -0.08
N ASP A 3 3.87 1.89 0.60
CA ASP A 3 2.49 2.02 0.19
C ASP A 3 2.46 3.26 -0.80
N THR A 4 2.29 2.80 -2.10
CA THR A 4 2.53 3.66 -3.25
C THR A 4 1.57 4.85 -3.19
N ASN A 5 0.32 4.63 -2.72
CA ASN A 5 -0.66 5.81 -2.74
C ASN A 5 -0.89 6.47 -1.37
N ASN A 6 -0.01 6.15 -0.35
CA ASN A 6 0.06 6.79 0.99
C ASN A 6 -1.20 7.14 1.76
N ASP A 7 -2.04 6.10 1.92
CA ASP A 7 -3.38 6.28 2.39
C ASP A 7 -3.49 5.67 3.80
N GLY A 8 -2.62 4.76 4.13
CA GLY A 8 -2.59 4.07 5.47
C GLY A 8 -3.54 2.84 5.38
N TRP A 9 -4.04 2.58 4.12
CA TRP A 9 -4.90 1.41 3.84
C TRP A 9 -4.07 0.41 3.10
N ILE A 10 -4.15 -0.99 3.35
CA ILE A 10 -3.60 -2.01 2.51
C ILE A 10 -4.62 -2.56 1.42
N GLU A 11 -4.27 -2.48 0.08
CA GLU A 11 -4.96 -3.04 -0.99
C GLU A 11 -4.23 -4.27 -1.53
N GLY A 12 -4.85 -5.40 -1.77
CA GLY A 12 -4.33 -6.75 -2.01
C GLY A 12 -3.20 -6.75 -3.01
N ASP A 13 -2.04 -7.22 -2.65
CA ASP A 13 -0.87 -7.27 -3.60
C ASP A 13 -0.32 -5.90 -4.00
N GLU A 14 -0.45 -4.86 -3.18
CA GLU A 14 0.06 -3.60 -3.49
C GLU A 14 1.55 -3.48 -3.17
N LEU A 15 2.03 -4.23 -2.21
CA LEU A 15 3.41 -4.30 -1.82
C LEU A 15 4.07 -5.34 -2.74
N LEU A 16 5.25 -5.04 -3.25
CA LEU A 16 5.90 -5.86 -4.24
C LEU A 16 6.84 -6.81 -3.62
N ALA A 17 6.68 -8.14 -3.79
CA ALA A 17 7.40 -9.19 -3.18
C ALA A 17 8.79 -9.53 -3.80
N NH2 A 18 8.89 -9.63 -5.15
HN1 NH2 A 18 9.79 -9.83 -5.53
HN2 NH2 A 18 8.07 -9.57 -5.71
LA LA B . -2.74 1.66 -0.09
N PHE A 1 6.59 -0.86 5.69
CA PHE A 1 6.05 -0.85 4.30
C PHE A 1 5.63 0.52 3.81
N ILE A 2 6.05 0.93 2.54
CA ILE A 2 5.75 2.27 2.03
C ILE A 2 4.55 2.11 1.07
N ASP A 3 3.46 2.82 1.52
CA ASP A 3 2.22 2.93 0.72
C ASP A 3 2.33 4.14 -0.24
N THR A 4 2.53 3.81 -1.52
CA THR A 4 3.02 4.75 -2.53
C THR A 4 1.94 5.79 -2.89
N ASN A 5 0.69 5.50 -2.59
CA ASN A 5 -0.52 6.37 -2.90
C ASN A 5 -0.88 7.02 -1.53
N ASN A 6 -0.05 6.92 -0.54
CA ASN A 6 -0.02 7.53 0.81
C ASN A 6 -1.30 7.44 1.73
N ASP A 7 -2.09 6.41 1.42
CA ASP A 7 -3.43 6.33 2.05
C ASP A 7 -3.48 5.81 3.54
N GLY A 8 -2.50 4.94 3.93
CA GLY A 8 -2.44 4.29 5.26
C GLY A 8 -3.49 3.19 5.37
N TRP A 9 -4.01 2.70 4.22
CA TRP A 9 -4.87 1.57 4.06
C TRP A 9 -4.17 0.50 3.21
N ILE A 10 -4.25 -0.80 3.56
CA ILE A 10 -3.57 -1.89 2.83
C ILE A 10 -4.49 -2.63 1.93
N GLU A 11 -4.05 -2.66 0.61
CA GLU A 11 -4.86 -3.27 -0.42
C GLU A 11 -4.30 -4.56 -0.99
N GLY A 12 -5.16 -5.58 -1.34
CA GLY A 12 -4.58 -6.76 -2.03
C GLY A 12 -3.73 -6.48 -3.24
N ASP A 13 -2.63 -7.24 -3.31
CA ASP A 13 -1.50 -7.05 -4.20
C ASP A 13 -0.78 -5.72 -4.22
N GLU A 14 -0.84 -4.90 -3.14
CA GLU A 14 -0.01 -3.64 -3.21
C GLU A 14 1.29 -3.91 -2.49
N LEU A 15 1.29 -4.97 -1.65
CA LEU A 15 2.40 -5.53 -0.96
C LEU A 15 2.98 -6.69 -1.79
N LEU A 16 4.28 -6.53 -2.06
CA LEU A 16 5.08 -7.33 -2.96
C LEU A 16 5.81 -8.48 -2.34
N ALA A 17 5.80 -9.59 -3.10
CA ALA A 17 6.24 -10.87 -2.78
C ALA A 17 7.83 -10.94 -2.61
N NH2 A 18 8.25 -12.07 -2.00
HN1 NH2 A 18 7.69 -12.90 -2.00
HN2 NH2 A 18 9.23 -12.16 -1.87
LA LA B . -2.74 1.66 -0.09
N PHE A 1 8.20 -0.06 4.02
CA PHE A 1 7.25 0.03 2.87
C PHE A 1 6.67 1.45 2.58
N ILE A 2 6.77 1.87 1.35
CA ILE A 2 6.09 3.04 0.94
C ILE A 2 4.63 2.65 0.46
N ASP A 3 3.49 3.20 1.00
CA ASP A 3 2.13 2.94 0.46
C ASP A 3 2.01 3.98 -0.60
N THR A 4 2.07 3.62 -1.86
CA THR A 4 2.26 4.54 -3.05
C THR A 4 1.02 5.36 -3.34
N ASN A 5 -0.17 5.00 -2.93
CA ASN A 5 -1.36 5.85 -2.95
C ASN A 5 -1.57 6.39 -1.55
N ASN A 6 -0.57 6.36 -0.71
CA ASN A 6 -0.45 7.07 0.58
C ASN A 6 -1.76 7.22 1.46
N ASP A 7 -2.66 6.13 1.47
CA ASP A 7 -4.00 6.25 2.06
C ASP A 7 -4.01 5.61 3.50
N GLY A 8 -2.92 4.87 3.89
CA GLY A 8 -2.88 4.09 5.18
C GLY A 8 -3.72 2.79 5.10
N TRP A 9 -4.31 2.49 3.95
CA TRP A 9 -5.20 1.44 3.76
C TRP A 9 -4.57 0.28 2.96
N ILE A 10 -4.81 -0.99 3.24
CA ILE A 10 -4.30 -2.12 2.40
C ILE A 10 -5.24 -2.61 1.31
N GLU A 11 -4.75 -2.51 0.10
CA GLU A 11 -5.39 -3.00 -1.09
C GLU A 11 -4.89 -4.42 -1.41
N GLY A 12 -5.67 -5.31 -1.97
CA GLY A 12 -5.27 -6.63 -2.54
C GLY A 12 -4.05 -6.51 -3.36
N ASP A 13 -3.04 -7.32 -3.08
CA ASP A 13 -1.81 -7.47 -3.92
C ASP A 13 -1.02 -6.21 -4.14
N GLU A 14 -1.17 -5.24 -3.25
CA GLU A 14 -0.51 -3.91 -3.13
C GLU A 14 0.90 -4.01 -2.77
N LEU A 15 1.26 -5.04 -1.96
CA LEU A 15 2.65 -5.39 -1.62
C LEU A 15 3.26 -6.39 -2.58
N LEU A 16 4.47 -6.03 -3.10
CA LEU A 16 5.15 -6.98 -3.96
C LEU A 16 6.03 -7.98 -3.24
N ALA A 17 5.89 -9.23 -3.65
CA ALA A 17 6.60 -10.32 -3.06
C ALA A 17 8.10 -10.40 -3.54
N NH2 A 18 8.42 -9.84 -4.76
HN1 NH2 A 18 7.73 -9.48 -5.39
HN2 NH2 A 18 9.39 -9.79 -4.97
LA LA B . -2.74 1.66 -0.09
N PHE A 1 7.30 -0.23 4.26
CA PHE A 1 6.66 -0.37 2.94
C PHE A 1 6.32 1.02 2.52
N ILE A 2 6.47 1.28 1.23
CA ILE A 2 5.99 2.43 0.55
C ILE A 2 4.60 2.25 -0.02
N ASP A 3 3.59 2.84 0.71
CA ASP A 3 2.26 2.90 0.24
C ASP A 3 2.07 4.04 -0.77
N THR A 4 1.73 3.67 -2.08
CA THR A 4 2.08 4.46 -3.26
C THR A 4 1.45 5.80 -3.24
N ASN A 5 0.18 5.90 -2.79
CA ASN A 5 -0.53 7.18 -2.85
C ASN A 5 -0.64 7.82 -1.47
N ASN A 6 0.05 7.17 -0.51
CA ASN A 6 0.10 7.51 0.89
C ASN A 6 -1.23 7.34 1.60
N ASP A 7 -2.19 6.48 1.17
CA ASP A 7 -3.52 6.46 1.83
C ASP A 7 -3.73 6.19 3.37
N GLY A 8 -3.07 5.13 3.90
CA GLY A 8 -3.22 4.57 5.25
C GLY A 8 -4.21 3.42 5.39
N TRP A 9 -4.53 2.88 4.14
CA TRP A 9 -5.25 1.61 3.93
C TRP A 9 -4.37 0.63 3.20
N ILE A 10 -4.45 -0.63 3.58
CA ILE A 10 -3.84 -1.70 2.80
C ILE A 10 -4.90 -2.41 2.01
N GLU A 11 -4.77 -2.35 0.64
CA GLU A 11 -5.55 -2.98 -0.41
C GLU A 11 -4.73 -4.05 -1.16
N GLY A 12 -5.29 -5.22 -1.53
CA GLY A 12 -4.66 -6.35 -2.24
C GLY A 12 -3.77 -5.98 -3.41
N ASP A 13 -2.64 -6.70 -3.58
CA ASP A 13 -1.63 -6.52 -4.65
C ASP A 13 -0.74 -5.32 -4.52
N GLU A 14 -0.56 -4.81 -3.23
CA GLU A 14 0.43 -3.72 -2.97
C GLU A 14 1.46 -4.06 -1.94
N LEU A 15 0.95 -4.69 -0.88
CA LEU A 15 1.76 -5.38 0.24
C LEU A 15 1.90 -6.86 -0.16
N LEU A 16 3.12 -7.39 -0.16
CA LEU A 16 3.49 -8.74 -0.61
C LEU A 16 3.11 -9.79 0.35
N ALA A 17 2.49 -10.94 -0.04
CA ALA A 17 1.90 -11.84 0.95
C ALA A 17 2.84 -12.87 1.66
N NH2 A 18 2.95 -12.73 3.04
HN1 NH2 A 18 3.37 -13.53 3.47
HN2 NH2 A 18 2.70 -11.92 3.56
LA LA B . -2.74 1.66 -0.09
#